data_5LAD
#
_entry.id   5LAD
#
_cell.length_a   126.140
_cell.length_b   126.140
_cell.length_c   68.840
_cell.angle_alpha   90.00
_cell.angle_beta   90.00
_cell.angle_gamma   90.00
#
_symmetry.space_group_name_H-M   'I 4'
#
_entity_poly.entity_id   1
_entity_poly.type   'polypeptide(L)'
_entity_poly.pdbx_seq_one_letter_code
;MRLPDAGFRRYIVVAGRRNVGKSSFMNALVGQNVSIVSEYAGTTTDPVYKSMELYPVGPVTLVDTPGLDDVGELGRLRVE
KARRVFYRADCGILVTDSEPTPYEDDVVNLFKEMEIPFVVVVNKIDVLGEKAEELKGLYESRYEAKVLLVSALQKKGFDD
IGKTISEILPGDEEIPYLGDLIDGGDLVILVVPIDLGAPKGRLIMPQVHAIREALDREAIALVVKERELRYVMENIGMKP
KLVITDSQVVMKVASDVPEDVELTTFSIVESRYRGDLAYFVESVRKIEELEDGDTVVIMEGCTHRPLTEDIGRVKIPRWL
VNHTGAQLNFKVIAGKDFPDLEEIEGAKLIIHCGGCVLNRAAMMRRVRMAKRLGIPMTNYGVTISYLHGVLDRAIRPFRE
EVKV
;
_entity_poly.pdbx_strand_id   A
#
# COMPACT_ATOMS: atom_id res chain seq x y z
N ARG A 9 13.23 -9.06 -1.96
CA ARG A 9 14.17 -8.69 -0.90
C ARG A 9 13.72 -7.44 -0.17
N ARG A 10 14.52 -7.03 0.80
CA ARG A 10 14.21 -5.85 1.57
C ARG A 10 15.10 -4.72 1.12
N TYR A 11 14.53 -3.55 0.95
CA TYR A 11 15.27 -2.40 0.45
C TYR A 11 15.65 -1.42 1.54
N ILE A 12 16.94 -1.20 1.69
CA ILE A 12 17.43 -0.28 2.69
C ILE A 12 18.37 0.69 2.02
N VAL A 13 18.24 1.97 2.35
CA VAL A 13 19.11 2.97 1.76
C VAL A 13 20.10 3.57 2.71
N VAL A 14 21.29 3.82 2.19
CA VAL A 14 22.35 4.42 2.97
C VAL A 14 22.76 5.74 2.33
N ALA A 15 22.31 6.79 2.98
CA ALA A 15 22.54 8.18 2.56
C ALA A 15 23.60 8.86 3.45
N GLY A 16 24.06 10.02 3.00
CA GLY A 16 25.06 10.81 3.71
C GLY A 16 25.99 11.57 2.78
N ARG A 17 26.45 12.75 3.24
CA ARG A 17 27.36 13.65 2.52
C ARG A 17 28.72 12.98 2.31
N ARG A 18 29.19 12.25 3.35
CA ARG A 18 30.46 11.51 3.39
C ARG A 18 30.55 10.47 2.25
N ASN A 19 31.75 10.31 1.68
CA ASN A 19 31.99 9.40 0.54
C ASN A 19 32.78 8.13 0.93
N VAL A 20 34.04 8.29 1.40
CA VAL A 20 34.93 7.20 1.81
C VAL A 20 34.45 6.59 3.14
N GLY A 21 34.10 7.46 4.11
CA GLY A 21 33.59 7.07 5.42
C GLY A 21 32.23 6.38 5.40
N LYS A 22 31.45 6.60 4.32
CA LYS A 22 30.15 5.98 4.09
C LYS A 22 30.36 4.55 3.57
N SER A 23 31.16 4.40 2.47
CA SER A 23 31.50 3.13 1.81
C SER A 23 32.15 2.13 2.77
N SER A 24 32.91 2.64 3.75
CA SER A 24 33.58 1.86 4.79
C SER A 24 32.55 1.14 5.66
N PHE A 25 31.54 1.89 6.17
CA PHE A 25 30.45 1.38 7.01
C PHE A 25 29.64 0.29 6.32
N MET A 26 29.34 0.51 5.06
CA MET A 26 28.57 -0.43 4.30
C MET A 26 29.21 -1.79 4.38
N ASN A 27 30.46 -1.84 4.00
CA ASN A 27 31.20 -3.09 3.96
C ASN A 27 31.31 -3.75 5.33
N ALA A 28 30.85 -3.06 6.37
CA ALA A 28 30.91 -3.59 7.72
C ALA A 28 29.93 -4.73 7.96
N LEU A 29 30.37 -5.71 8.74
CA LEU A 29 29.56 -6.88 9.09
C LEU A 29 28.94 -7.63 7.92
N VAL A 30 29.74 -7.93 6.90
CA VAL A 30 29.27 -8.66 5.74
C VAL A 30 28.54 -9.94 6.12
N VAL A 48 25.75 1.26 -6.31
CA VAL A 48 25.90 -0.18 -6.34
C VAL A 48 24.99 -0.79 -5.30
N TYR A 49 24.55 -2.02 -5.58
CA TYR A 49 23.69 -2.72 -4.67
C TYR A 49 24.45 -3.90 -4.16
N LYS A 50 24.46 -4.09 -2.85
CA LYS A 50 25.14 -5.22 -2.26
C LYS A 50 24.11 -6.09 -1.56
N SER A 51 23.91 -7.28 -2.09
CA SER A 51 22.96 -8.25 -1.56
C SER A 51 23.61 -9.23 -0.58
N MET A 52 23.22 -9.15 0.70
CA MET A 52 23.75 -10.01 1.77
C MET A 52 22.70 -10.31 2.85
N GLU A 53 22.76 -11.53 3.42
CA GLU A 53 21.91 -12.04 4.48
C GLU A 53 22.25 -11.34 5.82
N LEU A 54 21.22 -10.80 6.48
CA LEU A 54 21.36 -10.12 7.78
C LEU A 54 20.34 -10.63 8.79
N TYR A 55 20.80 -10.96 9.99
CA TYR A 55 19.91 -11.49 11.03
C TYR A 55 19.29 -10.39 11.90
N PRO A 56 17.99 -10.44 12.27
CA PRO A 56 16.98 -11.47 11.97
C PRO A 56 16.07 -11.14 10.77
N VAL A 57 16.41 -10.10 10.02
CA VAL A 57 15.64 -9.58 8.88
C VAL A 57 15.70 -10.48 7.62
N GLY A 58 16.74 -11.30 7.53
CA GLY A 58 16.94 -12.19 6.39
C GLY A 58 17.68 -11.54 5.22
N PRO A 59 17.26 -11.83 3.97
CA PRO A 59 17.96 -11.24 2.82
C PRO A 59 17.62 -9.77 2.56
N VAL A 60 18.64 -8.97 2.31
CA VAL A 60 18.44 -7.57 2.02
C VAL A 60 19.48 -7.10 1.03
N THR A 61 19.14 -6.03 0.32
CA THR A 61 20.05 -5.46 -0.64
C THR A 61 20.29 -4.03 -0.22
N LEU A 62 21.56 -3.64 -0.18
CA LEU A 62 21.91 -2.31 0.24
C LEU A 62 22.44 -1.47 -0.89
N VAL A 63 21.85 -0.30 -1.06
CA VAL A 63 22.29 0.59 -2.11
C VAL A 63 22.61 1.95 -1.52
N ASP A 64 23.77 2.48 -1.88
CA ASP A 64 24.20 3.78 -1.38
C ASP A 64 23.73 4.88 -2.31
N THR A 65 24.21 6.09 -2.09
CA THR A 65 23.76 7.21 -2.92
C THR A 65 24.95 7.93 -3.60
N PRO A 66 25.60 7.32 -4.64
CA PRO A 66 26.72 8.02 -5.30
C PRO A 66 26.26 9.23 -6.12
N GLY A 67 25.03 9.17 -6.61
CA GLY A 67 24.40 10.25 -7.36
C GLY A 67 24.09 11.42 -6.47
N LEU A 68 23.78 11.14 -5.19
CA LEU A 68 23.47 12.13 -4.17
C LEU A 68 24.68 12.71 -3.43
N ASP A 69 25.87 12.06 -3.59
CA ASP A 69 27.14 12.49 -2.99
C ASP A 69 27.47 13.95 -3.30
N ASP A 70 27.16 14.40 -4.53
CA ASP A 70 27.35 15.79 -4.97
C ASP A 70 26.35 16.65 -4.22
N VAL A 71 26.87 17.35 -3.20
CA VAL A 71 26.13 18.23 -2.31
C VAL A 71 25.67 19.47 -3.09
N GLY A 72 24.40 19.82 -2.95
CA GLY A 72 23.78 20.96 -3.63
C GLY A 72 24.20 22.32 -3.13
N GLU A 73 23.44 23.36 -3.54
CA GLU A 73 23.70 24.76 -3.17
C GLU A 73 23.42 24.97 -1.68
N LEU A 74 24.34 25.65 -0.97
CA LEU A 74 24.29 25.97 0.45
C LEU A 74 24.34 24.72 1.36
N GLY A 75 25.07 23.71 0.91
CA GLY A 75 25.24 22.45 1.64
C GLY A 75 24.01 21.56 1.71
N ARG A 76 22.97 21.90 0.91
CA ARG A 76 21.70 21.16 0.83
C ARG A 76 21.83 19.86 0.05
N LEU A 77 20.78 19.02 0.15
CA LEU A 77 20.65 17.75 -0.56
C LEU A 77 19.76 18.00 -1.81
N ARG A 78 20.11 17.38 -2.95
CA ARG A 78 19.30 17.50 -4.16
C ARG A 78 18.01 16.66 -3.96
N VAL A 79 17.00 17.29 -3.32
CA VAL A 79 15.71 16.72 -2.90
C VAL A 79 14.99 15.93 -4.02
N GLU A 80 14.76 16.54 -5.21
CA GLU A 80 14.06 15.86 -6.33
C GLU A 80 14.86 14.69 -6.94
N LYS A 81 16.20 14.74 -6.84
CA LYS A 81 17.10 13.67 -7.29
C LYS A 81 17.08 12.58 -6.22
N ALA A 82 16.90 12.97 -4.94
CA ALA A 82 16.87 12.09 -3.78
C ALA A 82 15.58 11.29 -3.73
N ARG A 83 14.42 11.97 -3.92
CA ARG A 83 13.11 11.31 -3.90
C ARG A 83 12.93 10.39 -5.12
N ARG A 84 13.89 10.39 -6.05
CA ARG A 84 13.95 9.53 -7.23
C ARG A 84 14.56 8.17 -6.83
N VAL A 85 15.41 8.17 -5.80
CA VAL A 85 16.01 6.92 -5.34
C VAL A 85 15.44 6.46 -4.01
N PHE A 86 14.90 7.37 -3.23
CA PHE A 86 14.31 7.06 -1.93
C PHE A 86 12.97 6.33 -1.99
N TYR A 87 12.08 6.67 -2.96
CA TYR A 87 10.70 6.13 -3.07
C TYR A 87 10.55 4.63 -2.86
N ARG A 88 11.55 3.82 -3.21
CA ARG A 88 11.39 2.38 -3.10
C ARG A 88 12.07 1.73 -1.93
N ALA A 89 12.29 2.46 -0.86
CA ALA A 89 12.97 1.88 0.27
C ALA A 89 12.02 1.40 1.32
N ASP A 90 12.36 0.28 1.93
CA ASP A 90 11.56 -0.26 2.99
C ASP A 90 11.91 0.57 4.19
N CYS A 91 13.21 0.72 4.44
CA CYS A 91 13.69 1.55 5.53
C CYS A 91 14.98 2.24 5.13
N GLY A 92 15.38 3.19 5.97
CA GLY A 92 16.54 4.04 5.74
C GLY A 92 17.61 4.07 6.81
N ILE A 93 18.80 4.53 6.41
CA ILE A 93 20.01 4.69 7.22
C ILE A 93 20.70 6.00 6.83
N LEU A 94 21.06 6.82 7.84
CA LEU A 94 21.80 8.07 7.63
C LEU A 94 23.14 8.00 8.36
N VAL A 95 24.21 7.67 7.60
CA VAL A 95 25.56 7.56 8.14
C VAL A 95 26.23 8.96 8.08
N THR A 96 26.72 9.44 9.25
CA THR A 96 27.32 10.77 9.40
C THR A 96 28.62 10.75 10.23
N ASP A 97 29.57 11.65 9.88
CA ASP A 97 30.84 11.81 10.58
C ASP A 97 30.80 13.04 11.49
N SER A 98 30.51 14.22 10.93
CA SER A 98 30.43 15.50 11.64
C SER A 98 29.06 15.74 12.31
N GLU A 99 28.76 17.00 12.63
CA GLU A 99 27.51 17.46 13.24
C GLU A 99 26.40 17.63 12.16
N PRO A 100 25.10 17.67 12.53
CA PRO A 100 24.04 17.79 11.50
C PRO A 100 24.04 19.10 10.71
N THR A 101 24.34 18.96 9.41
CA THR A 101 24.38 20.04 8.43
C THR A 101 22.99 20.09 7.73
N PRO A 102 22.65 21.08 6.86
CA PRO A 102 21.34 21.06 6.18
C PRO A 102 21.10 19.81 5.34
N TYR A 103 22.18 19.07 4.98
CA TYR A 103 22.13 17.83 4.23
C TYR A 103 21.48 16.76 5.10
N GLU A 104 21.99 16.59 6.34
CA GLU A 104 21.47 15.65 7.34
C GLU A 104 20.04 16.03 7.75
N ASP A 105 19.74 17.35 7.78
CA ASP A 105 18.42 17.87 8.10
C ASP A 105 17.41 17.46 7.01
N ASP A 106 17.79 17.63 5.71
CA ASP A 106 16.99 17.32 4.51
C ASP A 106 16.65 15.83 4.41
N VAL A 107 17.68 14.97 4.32
CA VAL A 107 17.55 13.51 4.22
C VAL A 107 16.48 13.02 5.22
N VAL A 108 16.59 13.48 6.49
CA VAL A 108 15.67 13.16 7.58
C VAL A 108 14.22 13.56 7.24
N ASN A 109 14.02 14.79 6.73
CA ASN A 109 12.69 15.30 6.35
C ASN A 109 12.06 14.52 5.21
N LEU A 110 12.89 14.04 4.25
CA LEU A 110 12.43 13.26 3.09
C LEU A 110 12.04 11.84 3.49
N PHE A 111 12.72 11.28 4.51
CA PHE A 111 12.42 9.97 5.07
C PHE A 111 11.09 10.10 5.80
N LYS A 112 10.95 11.18 6.60
CA LYS A 112 9.74 11.51 7.36
C LYS A 112 8.54 11.74 6.46
N GLU A 113 8.72 12.51 5.36
CA GLU A 113 7.69 12.82 4.37
C GLU A 113 7.17 11.51 3.76
N MET A 114 8.08 10.72 3.15
CA MET A 114 7.81 9.42 2.50
C MET A 114 7.49 8.29 3.52
N GLU A 115 7.52 8.63 4.81
CA GLU A 115 7.24 7.76 5.95
C GLU A 115 8.14 6.51 5.98
N ILE A 116 9.31 6.58 5.28
CA ILE A 116 10.35 5.54 5.26
C ILE A 116 10.93 5.47 6.70
N PRO A 117 10.77 4.33 7.43
CA PRO A 117 11.34 4.24 8.80
C PRO A 117 12.87 4.27 8.74
N PHE A 118 13.56 4.91 9.71
CA PHE A 118 15.02 5.01 9.62
C PHE A 118 15.75 4.95 10.96
N VAL A 119 17.10 4.81 10.87
CA VAL A 119 18.04 4.79 11.99
C VAL A 119 19.23 5.67 11.62
N VAL A 120 19.86 6.32 12.63
CA VAL A 120 21.00 7.22 12.41
C VAL A 120 22.32 6.60 12.91
N VAL A 121 23.34 6.58 12.03
CA VAL A 121 24.68 6.07 12.32
C VAL A 121 25.73 7.05 11.83
N ILE A 125 35.29 7.12 12.41
CA ILE A 125 35.68 6.01 13.29
C ILE A 125 35.35 6.34 14.77
N ASP A 126 36.25 6.00 15.71
CA ASP A 126 36.10 6.27 17.14
C ASP A 126 36.61 7.69 17.49
N VAL A 127 36.96 8.51 16.46
CA VAL A 127 37.45 9.90 16.57
C VAL A 127 36.49 10.78 17.36
N LEU A 128 37.08 11.68 18.15
CA LEU A 128 36.40 12.58 19.08
C LEU A 128 35.72 11.71 20.14
N GLY A 129 36.54 11.05 20.93
CA GLY A 129 36.03 10.18 21.98
C GLY A 129 35.27 11.04 22.95
N GLU A 130 34.04 10.59 23.20
CA GLU A 130 32.94 11.12 24.05
C GLU A 130 32.04 12.09 23.29
N LYS A 131 32.61 12.72 22.26
CA LYS A 131 31.90 13.58 21.32
C LYS A 131 31.01 12.66 20.50
N ALA A 132 31.49 11.46 20.18
CA ALA A 132 30.72 10.45 19.48
C ALA A 132 29.53 10.11 20.38
N GLU A 133 29.76 9.95 21.68
CA GLU A 133 28.67 9.74 22.59
C GLU A 133 27.74 10.97 22.58
N GLU A 134 28.30 12.18 22.51
CA GLU A 134 27.47 13.38 22.43
C GLU A 134 26.67 13.38 21.13
N LEU A 135 27.37 13.13 20.01
CA LEU A 135 26.74 13.13 18.69
C LEU A 135 25.55 12.19 18.66
N LYS A 136 25.69 11.02 19.31
CA LYS A 136 24.62 10.02 19.42
C LYS A 136 23.37 10.64 20.06
N GLY A 137 23.59 11.52 21.05
CA GLY A 137 22.53 12.24 21.77
C GLY A 137 22.12 13.52 21.08
N LEU A 138 22.98 14.06 20.20
CA LEU A 138 22.71 15.26 19.41
C LEU A 138 21.72 14.86 18.30
N TYR A 139 22.03 13.77 17.57
CA TYR A 139 21.18 13.22 16.52
C TYR A 139 19.92 12.56 17.09
N GLU A 140 19.89 12.32 18.42
CA GLU A 140 18.74 11.73 19.12
C GLU A 140 17.70 12.79 19.47
N SER A 141 18.13 14.07 19.59
CA SER A 141 17.26 15.21 19.92
C SER A 141 16.26 15.57 18.78
N ARG A 142 16.50 15.10 17.54
CA ARG A 142 15.61 15.30 16.39
C ARG A 142 14.57 14.16 16.24
N TYR A 143 14.16 13.57 17.39
CA TYR A 143 13.14 12.54 17.61
C TYR A 143 13.36 11.20 16.86
N GLU A 144 14.60 10.69 16.78
CA GLU A 144 14.85 9.38 16.15
C GLU A 144 16.03 8.60 16.73
N ALA A 145 16.01 7.26 16.51
CA ALA A 145 16.98 6.27 16.96
C ALA A 145 18.37 6.49 16.40
N LYS A 146 19.36 6.63 17.28
CA LYS A 146 20.76 6.81 16.92
C LYS A 146 21.61 5.66 17.46
N VAL A 147 22.39 5.02 16.57
CA VAL A 147 23.31 3.91 16.85
C VAL A 147 24.73 4.41 16.53
N LEU A 148 25.77 3.94 17.27
CA LEU A 148 27.16 4.40 17.09
C LEU A 148 28.04 3.52 16.19
N LEU A 149 28.92 4.20 15.40
CA LEU A 149 29.89 3.60 14.45
C LEU A 149 30.92 2.75 15.21
N VAL A 150 31.17 1.52 14.71
CA VAL A 150 32.14 0.57 15.27
C VAL A 150 33.18 0.27 14.17
N SER A 151 34.47 0.47 14.47
CA SER A 151 35.55 0.23 13.51
C SER A 151 36.74 -0.48 14.18
N GLY A 157 28.77 -4.25 18.18
CA GLY A 157 28.08 -3.05 17.72
C GLY A 157 27.19 -3.26 16.51
N PHE A 158 27.51 -4.21 15.65
CA PHE A 158 26.67 -4.46 14.49
C PHE A 158 25.52 -5.40 14.79
N ASP A 159 25.59 -6.05 15.94
CA ASP A 159 24.53 -6.95 16.42
C ASP A 159 23.25 -6.13 16.47
N ASP A 160 23.40 -4.84 16.84
CA ASP A 160 22.33 -3.85 17.02
C ASP A 160 21.82 -3.22 15.69
N ILE A 161 22.55 -3.45 14.57
CA ILE A 161 22.16 -2.92 13.26
C ILE A 161 20.91 -3.64 12.74
N GLY A 162 21.00 -4.97 12.57
CA GLY A 162 19.89 -5.82 12.12
C GLY A 162 18.75 -5.85 13.12
N LYS A 163 19.10 -5.73 14.43
CA LYS A 163 18.18 -5.68 15.58
C LYS A 163 17.26 -4.46 15.48
N THR A 164 17.83 -3.26 15.22
CA THR A 164 17.05 -2.02 15.08
C THR A 164 16.23 -2.02 13.78
N ILE A 165 16.84 -2.47 12.64
CA ILE A 165 16.20 -2.55 11.32
C ILE A 165 14.86 -3.30 11.38
N SER A 166 14.82 -4.45 12.10
CA SER A 166 13.62 -5.26 12.29
C SER A 166 12.53 -4.56 13.12
N GLU A 167 12.95 -3.74 14.11
CA GLU A 167 12.07 -3.01 15.02
C GLU A 167 11.44 -1.78 14.37
N ILE A 168 12.15 -1.10 13.45
CA ILE A 168 11.62 0.07 12.72
C ILE A 168 10.77 -0.35 11.52
N LEU A 169 11.16 -1.46 10.85
CA LEU A 169 10.48 -2.06 9.69
C LEU A 169 8.97 -2.25 9.96
N PRO A 170 8.08 -2.03 8.94
CA PRO A 170 6.64 -2.20 9.18
C PRO A 170 6.27 -3.63 9.60
N GLY A 171 5.38 -3.71 10.56
CA GLY A 171 4.92 -4.97 11.12
C GLY A 171 3.96 -5.80 10.31
N ASP A 172 3.09 -6.50 11.02
CA ASP A 172 2.16 -7.40 10.39
C ASP A 172 1.26 -6.65 9.43
N GLU A 173 0.76 -5.52 9.89
CA GLU A 173 -0.13 -4.67 9.12
C GLU A 173 -1.34 -5.44 8.58
N GLU A 174 -1.95 -6.29 9.40
CA GLU A 174 -3.07 -7.08 8.94
C GLU A 174 -4.33 -6.62 9.59
N ILE A 175 -5.32 -6.32 8.77
CA ILE A 175 -6.60 -5.83 9.27
C ILE A 175 -7.68 -6.93 9.22
N PRO A 176 -8.72 -6.92 10.11
CA PRO A 176 -9.76 -7.97 10.02
C PRO A 176 -10.53 -7.90 8.70
N TYR A 177 -10.97 -9.06 8.15
CA TYR A 177 -11.69 -9.13 6.89
C TYR A 177 -12.82 -8.10 6.80
N LEU A 178 -13.67 -8.05 7.86
CA LEU A 178 -14.75 -7.06 8.00
C LEU A 178 -14.27 -5.95 8.94
N GLY A 179 -15.08 -4.91 9.13
CA GLY A 179 -14.72 -3.79 10.00
C GLY A 179 -14.67 -4.15 11.46
N ASP A 180 -13.53 -3.82 12.12
CA ASP A 180 -13.19 -4.03 13.54
C ASP A 180 -14.40 -3.93 14.51
N LEU A 181 -15.22 -2.88 14.35
CA LEU A 181 -16.42 -2.61 15.16
C LEU A 181 -17.71 -2.76 14.35
N ILE A 182 -17.59 -3.09 13.04
CA ILE A 182 -18.72 -3.30 12.13
C ILE A 182 -19.60 -4.45 12.63
N ASP A 183 -19.03 -5.58 13.05
CA ASP A 183 -19.85 -6.68 13.54
C ASP A 183 -19.49 -7.18 14.92
N GLY A 184 -20.49 -7.17 15.80
CA GLY A 184 -20.43 -7.67 17.16
C GLY A 184 -21.29 -8.92 17.27
N GLY A 185 -21.39 -9.48 18.47
CA GLY A 185 -22.21 -10.67 18.69
C GLY A 185 -23.69 -10.43 18.47
N ASP A 186 -24.42 -11.50 18.04
CA ASP A 186 -25.89 -11.57 17.76
C ASP A 186 -26.33 -10.72 16.51
N LEU A 187 -25.37 -10.22 15.72
CA LEU A 187 -25.65 -9.38 14.55
C LEU A 187 -25.87 -10.19 13.27
N VAL A 188 -26.95 -9.90 12.50
CA VAL A 188 -27.16 -10.64 11.26
C VAL A 188 -26.37 -9.95 10.13
N ILE A 189 -25.57 -10.77 9.42
CA ILE A 189 -24.81 -10.34 8.25
C ILE A 189 -25.33 -11.19 7.10
N LEU A 190 -25.58 -10.58 5.95
CA LEU A 190 -26.10 -11.31 4.83
C LEU A 190 -25.13 -11.30 3.69
N VAL A 191 -24.90 -12.49 3.14
CA VAL A 191 -24.01 -12.73 2.01
C VAL A 191 -24.96 -13.14 0.89
N VAL A 192 -24.99 -12.36 -0.20
CA VAL A 192 -25.90 -12.55 -1.32
C VAL A 192 -25.15 -12.98 -2.60
N PRO A 193 -25.03 -14.31 -2.94
CA PRO A 193 -24.31 -14.69 -4.16
C PRO A 193 -25.18 -14.73 -5.42
N ILE A 194 -24.55 -14.81 -6.60
CA ILE A 194 -25.24 -14.86 -7.90
C ILE A 194 -25.30 -16.31 -8.44
N ASP A 195 -24.20 -16.80 -9.05
CA ASP A 195 -23.97 -18.12 -9.63
C ASP A 195 -22.48 -18.33 -9.49
N LEU A 196 -22.14 -19.03 -8.42
CA LEU A 196 -20.80 -19.28 -7.96
C LEU A 196 -19.82 -19.78 -8.96
N GLY A 197 -18.62 -19.21 -8.88
CA GLY A 197 -17.54 -19.54 -9.78
C GLY A 197 -16.69 -20.63 -9.18
N ALA A 198 -17.07 -21.07 -7.99
CA ALA A 198 -16.32 -22.15 -7.34
C ALA A 198 -16.93 -23.50 -7.72
N PRO A 199 -16.11 -24.56 -7.95
CA PRO A 199 -16.67 -25.86 -8.36
C PRO A 199 -17.73 -26.48 -7.45
N LYS A 200 -18.43 -27.51 -7.97
CA LYS A 200 -19.49 -28.30 -7.32
C LYS A 200 -19.20 -28.53 -5.83
N GLY A 201 -20.17 -28.18 -4.98
CA GLY A 201 -20.06 -28.34 -3.55
C GLY A 201 -19.05 -27.44 -2.88
N ARG A 202 -18.83 -26.25 -3.46
CA ARG A 202 -17.90 -25.24 -2.96
C ARG A 202 -18.43 -23.82 -3.14
N LEU A 203 -17.84 -22.89 -2.39
CA LEU A 203 -18.15 -21.45 -2.42
C LEU A 203 -16.83 -20.74 -2.58
N ILE A 204 -16.83 -19.57 -3.21
CA ILE A 204 -15.60 -18.81 -3.42
C ILE A 204 -15.06 -18.32 -2.06
N MET A 205 -13.71 -18.29 -1.91
CA MET A 205 -13.01 -17.92 -0.67
C MET A 205 -13.51 -16.63 -0.02
N PRO A 206 -13.71 -15.49 -0.75
CA PRO A 206 -14.26 -14.28 -0.09
C PRO A 206 -15.56 -14.54 0.68
N GLN A 207 -16.43 -15.39 0.16
CA GLN A 207 -17.65 -15.70 0.84
C GLN A 207 -17.37 -16.44 2.13
N VAL A 208 -16.70 -17.57 2.05
CA VAL A 208 -16.42 -18.37 3.25
C VAL A 208 -15.65 -17.57 4.32
N HIS A 209 -14.74 -16.68 3.93
CA HIS A 209 -13.98 -15.86 4.87
C HIS A 209 -14.93 -14.86 5.55
N ALA A 210 -15.96 -14.38 4.82
CA ALA A 210 -16.98 -13.49 5.37
C ALA A 210 -17.89 -14.26 6.34
N ILE A 211 -18.12 -15.58 6.10
CA ILE A 211 -18.93 -16.45 6.99
C ILE A 211 -18.12 -16.64 8.30
N ARG A 212 -16.80 -16.97 8.14
CA ARG A 212 -15.89 -17.24 9.24
C ARG A 212 -15.70 -16.04 10.15
N GLU A 213 -15.33 -14.85 9.61
CA GLU A 213 -15.13 -13.61 10.38
C GLU A 213 -16.39 -13.22 11.19
N ALA A 214 -17.58 -13.34 10.56
CA ALA A 214 -18.87 -13.10 11.20
C ALA A 214 -19.03 -14.08 12.32
N LEU A 215 -18.66 -15.37 12.11
CA LEU A 215 -18.76 -16.39 13.15
C LEU A 215 -17.77 -16.16 14.29
N ASP A 216 -16.51 -15.79 13.96
CA ASP A 216 -15.42 -15.44 14.88
C ASP A 216 -15.81 -14.28 15.81
N ARG A 217 -16.61 -13.34 15.26
CA ARG A 217 -17.11 -12.16 15.93
C ARG A 217 -18.48 -12.40 16.60
N GLU A 218 -18.88 -13.67 16.70
CA GLU A 218 -20.13 -14.13 17.32
C GLU A 218 -21.42 -13.58 16.65
N ALA A 219 -21.34 -13.12 15.39
CA ALA A 219 -22.49 -12.65 14.64
C ALA A 219 -23.14 -13.89 13.94
N ILE A 220 -24.17 -13.67 13.09
CA ILE A 220 -24.91 -14.70 12.34
C ILE A 220 -24.77 -14.47 10.83
N ALA A 221 -24.30 -15.49 10.11
CA ALA A 221 -24.15 -15.41 8.66
C ALA A 221 -25.36 -16.07 7.95
N LEU A 222 -26.02 -15.30 7.06
CA LEU A 222 -27.15 -15.80 6.28
C LEU A 222 -26.79 -15.64 4.80
N VAL A 223 -26.73 -16.75 4.08
CA VAL A 223 -26.40 -16.69 2.68
C VAL A 223 -27.61 -17.04 1.85
N VAL A 224 -27.93 -16.19 0.89
CA VAL A 224 -29.10 -16.40 0.08
C VAL A 224 -28.99 -15.67 -1.24
N LYS A 225 -29.54 -16.27 -2.29
CA LYS A 225 -29.53 -15.68 -3.61
C LYS A 225 -30.48 -14.52 -3.66
N GLU A 226 -30.18 -13.57 -4.54
CA GLU A 226 -31.00 -12.37 -4.67
C GLU A 226 -32.46 -12.64 -4.87
N ARG A 227 -32.75 -13.68 -5.63
CA ARG A 227 -34.13 -14.11 -5.91
C ARG A 227 -34.95 -14.22 -4.62
N GLU A 228 -34.35 -14.79 -3.55
CA GLU A 228 -35.00 -14.98 -2.25
C GLU A 228 -34.59 -13.94 -1.19
N LEU A 229 -34.00 -12.84 -1.61
CA LEU A 229 -33.58 -11.81 -0.69
C LEU A 229 -34.73 -11.05 -0.04
N ARG A 230 -35.60 -10.45 -0.84
CA ARG A 230 -36.74 -9.71 -0.30
C ARG A 230 -37.57 -10.58 0.68
N TYR A 231 -37.69 -11.89 0.40
CA TYR A 231 -38.40 -12.84 1.26
C TYR A 231 -37.73 -12.96 2.65
N VAL A 232 -36.38 -13.03 2.71
CA VAL A 232 -35.67 -13.11 3.98
C VAL A 232 -35.75 -11.77 4.70
N MET A 233 -35.80 -10.65 3.95
CA MET A 233 -35.90 -9.29 4.51
C MET A 233 -37.28 -9.04 5.14
N GLU A 234 -38.31 -9.77 4.68
CA GLU A 234 -39.69 -9.62 5.16
C GLU A 234 -40.08 -10.65 6.21
N ASN A 235 -39.40 -11.80 6.28
CA ASN A 235 -39.75 -12.86 7.22
C ASN A 235 -38.93 -12.87 8.51
N ILE A 236 -37.64 -12.49 8.46
CA ILE A 236 -36.80 -12.47 9.66
C ILE A 236 -37.12 -11.19 10.49
N GLY A 237 -36.71 -11.19 11.76
CA GLY A 237 -36.92 -10.06 12.66
C GLY A 237 -35.76 -9.07 12.74
N MET A 238 -34.53 -9.55 12.48
CA MET A 238 -33.31 -8.73 12.56
C MET A 238 -33.12 -7.76 11.41
N LYS A 239 -32.60 -6.58 11.72
CA LYS A 239 -32.23 -5.60 10.70
C LYS A 239 -30.76 -5.94 10.41
N PRO A 240 -30.37 -6.15 9.13
CA PRO A 240 -28.99 -6.51 8.85
C PRO A 240 -28.02 -5.39 9.14
N LYS A 241 -26.94 -5.70 9.87
CA LYS A 241 -25.90 -4.71 10.17
C LYS A 241 -25.19 -4.43 8.83
N LEU A 242 -24.69 -5.51 8.19
CA LEU A 242 -24.02 -5.48 6.90
C LEU A 242 -24.66 -6.48 5.96
N VAL A 243 -24.60 -6.16 4.67
CA VAL A 243 -25.10 -7.00 3.60
C VAL A 243 -24.03 -6.97 2.54
N ILE A 244 -23.59 -8.14 2.09
CA ILE A 244 -22.53 -8.23 1.10
C ILE A 244 -22.96 -8.99 -0.13
N THR A 245 -22.53 -8.54 -1.29
CA THR A 245 -22.90 -9.19 -2.54
C THR A 245 -21.91 -8.90 -3.65
N ASP A 246 -22.12 -9.53 -4.79
CA ASP A 246 -21.26 -9.34 -5.94
C ASP A 246 -21.59 -8.13 -6.80
N SER A 247 -20.54 -7.43 -7.22
CA SER A 247 -20.64 -6.24 -8.07
C SER A 247 -21.61 -6.38 -9.21
N GLN A 248 -21.83 -7.61 -9.61
CA GLN A 248 -22.80 -7.95 -10.66
C GLN A 248 -24.23 -7.63 -10.24
N VAL A 249 -24.65 -8.06 -9.05
CA VAL A 249 -26.02 -7.81 -8.63
C VAL A 249 -26.22 -6.82 -7.50
N VAL A 250 -25.35 -5.84 -7.36
CA VAL A 250 -25.53 -4.88 -6.29
C VAL A 250 -26.71 -4.00 -6.56
N MET A 251 -26.97 -3.72 -7.82
CA MET A 251 -28.09 -2.86 -8.15
C MET A 251 -29.39 -3.56 -7.80
N LYS A 252 -29.46 -4.86 -8.02
CA LYS A 252 -30.67 -5.63 -7.73
C LYS A 252 -30.83 -5.62 -6.21
N VAL A 253 -29.73 -5.72 -5.50
CA VAL A 253 -29.78 -5.70 -4.06
C VAL A 253 -30.08 -4.33 -3.55
N ALA A 254 -29.55 -3.33 -4.22
CA ALA A 254 -29.80 -1.93 -3.86
C ALA A 254 -31.31 -1.68 -3.75
N SER A 255 -32.10 -2.29 -4.65
CA SER A 255 -33.57 -2.21 -4.67
C SER A 255 -34.22 -3.12 -3.61
N ASP A 256 -33.62 -4.30 -3.35
CA ASP A 256 -34.13 -5.27 -2.38
C ASP A 256 -33.95 -4.80 -0.92
N VAL A 257 -32.89 -4.00 -0.64
CA VAL A 257 -32.67 -3.41 0.69
C VAL A 257 -33.51 -2.12 0.74
N PRO A 258 -34.43 -2.00 1.73
CA PRO A 258 -35.41 -0.90 1.72
C PRO A 258 -34.90 0.55 1.79
N GLU A 259 -33.67 0.79 2.29
CA GLU A 259 -33.16 2.16 2.45
C GLU A 259 -31.65 2.20 2.59
N ASP A 260 -31.13 3.41 2.84
CA ASP A 260 -29.75 3.74 3.12
C ASP A 260 -29.43 3.36 4.58
N VAL A 261 -30.50 3.08 5.36
CA VAL A 261 -30.41 2.69 6.77
C VAL A 261 -29.68 1.31 6.89
N GLU A 262 -29.90 0.38 5.92
CA GLU A 262 -29.25 -0.95 5.87
C GLU A 262 -28.00 -0.87 4.99
N LEU A 263 -26.84 -0.97 5.64
CA LEU A 263 -25.50 -0.81 5.06
C LEU A 263 -25.07 -1.92 4.09
N THR A 264 -25.05 -1.61 2.78
CA THR A 264 -24.69 -2.58 1.74
C THR A 264 -23.31 -2.29 1.13
N THR A 265 -22.62 -3.36 0.84
CA THR A 265 -21.31 -3.36 0.21
C THR A 265 -21.07 -4.69 -0.50
N PHE A 266 -19.88 -4.88 -1.08
CA PHE A 266 -19.64 -6.13 -1.76
C PHE A 266 -18.29 -6.80 -1.66
N SER A 267 -18.33 -8.13 -1.82
CA SER A 267 -17.16 -8.99 -1.70
C SER A 267 -15.92 -8.48 -2.39
N ILE A 268 -16.08 -7.66 -3.42
CA ILE A 268 -14.92 -7.10 -4.09
C ILE A 268 -14.39 -5.89 -3.31
N VAL A 269 -15.26 -5.04 -2.76
CA VAL A 269 -14.84 -3.89 -1.96
C VAL A 269 -14.20 -4.38 -0.64
N GLU A 270 -14.68 -5.51 -0.07
CA GLU A 270 -14.12 -6.15 1.14
C GLU A 270 -12.68 -6.63 0.87
N SER A 271 -12.48 -7.25 -0.28
CA SER A 271 -11.18 -7.75 -0.67
C SER A 271 -10.30 -6.58 -1.06
N ARG A 272 -10.89 -5.60 -1.71
CA ARG A 272 -10.14 -4.39 -2.02
C ARG A 272 -9.74 -3.71 -0.72
N TYR A 273 -10.54 -3.89 0.33
CA TYR A 273 -10.36 -3.36 1.67
C TYR A 273 -9.09 -3.89 2.26
N ARG A 274 -8.79 -5.13 1.92
CA ARG A 274 -7.57 -5.77 2.38
C ARG A 274 -6.46 -5.39 1.43
N GLY A 275 -6.12 -4.12 1.46
CA GLY A 275 -5.11 -3.48 0.64
C GLY A 275 -5.16 -2.06 1.13
N ASP A 276 -5.39 -1.09 0.26
CA ASP A 276 -5.48 0.30 0.69
C ASP A 276 -6.71 0.97 0.12
N LEU A 277 -7.84 0.72 0.73
CA LEU A 277 -9.09 1.26 0.27
C LEU A 277 -9.11 2.76 0.30
N ALA A 278 -8.57 3.33 1.36
CA ALA A 278 -8.61 4.76 1.50
C ALA A 278 -7.90 5.44 0.38
N TYR A 279 -6.73 4.95 0.04
CA TYR A 279 -5.98 5.53 -1.05
C TYR A 279 -6.64 5.30 -2.39
N PHE A 280 -7.19 4.12 -2.58
CA PHE A 280 -7.81 3.77 -3.83
C PHE A 280 -8.98 4.67 -4.06
N VAL A 281 -9.90 4.69 -3.11
CA VAL A 281 -11.12 5.51 -3.21
C VAL A 281 -10.76 6.97 -3.53
N GLU A 282 -9.72 7.50 -2.86
CA GLU A 282 -9.24 8.86 -3.12
C GLU A 282 -8.80 8.97 -4.60
N SER A 283 -8.00 7.97 -5.09
CA SER A 283 -7.45 7.93 -6.44
C SER A 283 -8.47 7.75 -7.58
N VAL A 284 -9.62 7.03 -7.37
CA VAL A 284 -10.63 6.87 -8.44
C VAL A 284 -11.26 8.21 -8.79
N ARG A 285 -11.57 9.02 -7.77
CA ARG A 285 -12.13 10.36 -7.89
C ARG A 285 -11.25 11.31 -8.76
N LYS A 286 -10.02 10.87 -9.11
CA LYS A 286 -9.10 11.58 -9.98
C LYS A 286 -9.29 11.21 -11.47
N ILE A 287 -10.37 10.43 -11.77
CA ILE A 287 -10.78 10.03 -13.13
C ILE A 287 -11.25 11.28 -13.87
N GLU A 288 -11.97 12.15 -13.15
CA GLU A 288 -12.50 13.41 -13.67
C GLU A 288 -11.38 14.36 -14.06
N GLU A 289 -10.31 14.44 -13.23
CA GLU A 289 -9.13 15.27 -13.45
C GLU A 289 -8.30 14.91 -14.71
N LEU A 290 -8.77 13.93 -15.52
CA LEU A 290 -8.05 13.50 -16.72
C LEU A 290 -8.38 14.36 -17.93
N GLU A 291 -7.33 14.79 -18.64
CA GLU A 291 -7.44 15.57 -19.86
C GLU A 291 -6.86 14.75 -21.01
N ASP A 292 -7.01 15.22 -22.27
CA ASP A 292 -6.49 14.54 -23.46
C ASP A 292 -4.96 14.40 -23.39
N GLY A 293 -4.46 13.22 -23.72
CA GLY A 293 -3.04 12.93 -23.70
C GLY A 293 -2.51 12.33 -22.41
N ASP A 294 -3.33 12.33 -21.34
CA ASP A 294 -2.96 11.74 -20.05
C ASP A 294 -2.75 10.24 -20.17
N THR A 295 -1.65 9.73 -19.58
CA THR A 295 -1.29 8.31 -19.57
C THR A 295 -1.86 7.63 -18.34
N VAL A 296 -2.60 6.55 -18.55
CA VAL A 296 -3.18 5.73 -17.50
C VAL A 296 -2.51 4.35 -17.62
N VAL A 297 -1.78 3.94 -16.56
CA VAL A 297 -1.05 2.66 -16.52
C VAL A 297 -1.93 1.55 -15.93
N ILE A 298 -1.93 0.38 -16.59
CA ILE A 298 -2.66 -0.82 -16.16
C ILE A 298 -1.61 -1.82 -15.71
N MET A 299 -1.68 -2.22 -14.44
CA MET A 299 -0.73 -3.17 -13.85
C MET A 299 -1.42 -4.52 -13.62
N GLU A 300 -1.13 -5.49 -14.48
CA GLU A 300 -1.68 -6.82 -14.30
C GLU A 300 -0.60 -7.85 -13.96
N GLY A 301 -0.03 -8.51 -14.95
CA GLY A 301 0.99 -9.53 -14.71
C GLY A 301 0.57 -10.94 -15.09
N THR A 308 -6.70 -13.91 -22.04
CA THR A 308 -7.67 -14.01 -23.13
C THR A 308 -8.63 -12.83 -23.15
N GLU A 309 -8.21 -11.73 -23.78
CA GLU A 309 -9.04 -10.53 -23.85
C GLU A 309 -9.54 -10.09 -22.48
N ASP A 310 -8.58 -9.87 -21.59
CA ASP A 310 -8.84 -9.52 -20.22
C ASP A 310 -9.46 -8.14 -20.02
N ILE A 311 -10.02 -7.97 -18.85
CA ILE A 311 -10.70 -6.75 -18.50
C ILE A 311 -9.80 -5.56 -18.57
N GLY A 312 -8.59 -5.70 -18.07
CA GLY A 312 -7.66 -4.59 -18.07
C GLY A 312 -7.09 -4.23 -19.40
N ARG A 313 -6.58 -5.21 -20.12
CA ARG A 313 -6.02 -4.95 -21.42
C ARG A 313 -6.98 -4.28 -22.35
N VAL A 314 -8.25 -4.66 -22.29
CA VAL A 314 -9.23 -4.05 -23.17
C VAL A 314 -10.45 -3.38 -22.55
N LYS A 315 -11.25 -4.14 -21.82
CA LYS A 315 -12.49 -3.61 -21.27
C LYS A 315 -12.40 -2.35 -20.46
N ILE A 316 -11.33 -2.16 -19.73
CA ILE A 316 -11.20 -0.99 -18.90
C ILE A 316 -11.00 0.30 -19.65
N PRO A 317 -9.96 0.34 -20.47
CA PRO A 317 -9.59 1.50 -21.28
C PRO A 317 -10.80 2.05 -21.95
N ARG A 318 -11.52 1.14 -22.57
CA ARG A 318 -12.79 1.44 -23.23
C ARG A 318 -13.73 2.25 -22.29
N TRP A 319 -13.92 1.80 -21.06
CA TRP A 319 -14.79 2.52 -20.13
C TRP A 319 -14.24 3.86 -19.70
N LEU A 320 -12.94 3.91 -19.51
CA LEU A 320 -12.28 5.14 -19.06
C LEU A 320 -12.41 6.23 -20.12
N VAL A 321 -12.22 5.86 -21.40
CA VAL A 321 -12.37 6.76 -22.54
C VAL A 321 -13.84 7.18 -22.64
N ASN A 322 -14.79 6.23 -22.58
CA ASN A 322 -16.24 6.50 -22.64
C ASN A 322 -16.76 7.42 -21.53
N HIS A 323 -16.22 7.28 -20.30
CA HIS A 323 -16.63 8.03 -19.11
C HIS A 323 -16.06 9.46 -19.05
N THR A 324 -14.88 9.67 -19.66
CA THR A 324 -14.18 10.96 -19.62
C THR A 324 -14.25 11.73 -20.94
N GLY A 325 -14.32 11.00 -22.05
CA GLY A 325 -14.32 11.56 -23.40
C GLY A 325 -12.91 11.91 -23.85
N ALA A 326 -11.95 11.85 -22.92
CA ALA A 326 -10.54 12.19 -23.12
C ALA A 326 -9.76 11.21 -24.00
N GLN A 327 -8.82 11.75 -24.80
CA GLN A 327 -7.94 11.00 -25.69
C GLN A 327 -6.73 10.49 -24.87
N LEU A 328 -7.01 9.51 -23.99
CA LEU A 328 -6.04 8.89 -23.10
C LEU A 328 -5.26 7.78 -23.78
N ASN A 329 -4.04 7.53 -23.32
CA ASN A 329 -3.20 6.45 -23.80
C ASN A 329 -2.93 5.56 -22.59
N PHE A 330 -2.69 4.26 -22.83
CA PHE A 330 -2.51 3.30 -21.75
C PHE A 330 -1.27 2.44 -21.87
N LYS A 331 -0.47 2.38 -20.80
CA LYS A 331 0.72 1.54 -20.73
C LYS A 331 0.36 0.30 -19.94
N VAL A 332 0.52 -0.86 -20.57
CA VAL A 332 0.20 -2.15 -19.96
C VAL A 332 1.50 -2.83 -19.43
N ILE A 333 1.67 -2.77 -18.10
CA ILE A 333 2.82 -3.32 -17.35
C ILE A 333 2.48 -4.73 -16.83
N ALA A 334 2.81 -5.75 -17.64
CA ALA A 334 2.60 -7.15 -17.31
C ALA A 334 3.92 -7.73 -16.78
N GLY A 335 4.12 -7.56 -15.48
CA GLY A 335 5.30 -8.02 -14.77
C GLY A 335 4.96 -8.62 -13.43
N LYS A 336 5.89 -9.39 -12.86
CA LYS A 336 5.74 -10.05 -11.58
C LYS A 336 5.83 -9.04 -10.43
N ASP A 337 6.86 -8.17 -10.45
CA ASP A 337 7.06 -7.11 -9.45
C ASP A 337 6.79 -5.70 -10.02
N PHE A 338 6.68 -4.68 -9.12
CA PHE A 338 6.44 -3.26 -9.43
C PHE A 338 7.48 -2.73 -10.44
N PRO A 339 7.07 -1.96 -11.48
CA PRO A 339 8.04 -1.49 -12.49
C PRO A 339 9.07 -0.46 -12.00
N ASP A 340 10.07 -0.16 -12.86
CA ASP A 340 11.11 0.83 -12.59
C ASP A 340 10.44 2.21 -12.64
N LEU A 341 11.12 3.27 -12.14
CA LEU A 341 10.57 4.62 -12.18
C LEU A 341 10.39 5.11 -13.62
N GLU A 342 11.38 4.83 -14.49
CA GLU A 342 11.39 5.19 -15.92
C GLU A 342 10.21 4.60 -16.70
N GLU A 343 9.63 3.50 -16.20
CA GLU A 343 8.49 2.81 -16.83
C GLU A 343 7.12 3.40 -16.48
N ILE A 344 7.00 4.17 -15.39
CA ILE A 344 5.70 4.72 -14.96
C ILE A 344 5.75 6.23 -14.61
N GLU A 345 6.93 6.86 -14.69
CA GLU A 345 7.10 8.30 -14.39
C GLU A 345 6.35 9.18 -15.39
N GLY A 346 5.38 9.92 -14.87
CA GLY A 346 4.54 10.81 -15.67
C GLY A 346 3.10 10.34 -15.78
N ALA A 347 2.81 9.09 -15.34
CA ALA A 347 1.47 8.50 -15.37
C ALA A 347 0.53 9.30 -14.49
N LYS A 348 -0.70 9.50 -14.95
CA LYS A 348 -1.69 10.28 -14.21
C LYS A 348 -2.58 9.42 -13.30
N LEU A 349 -2.54 8.08 -13.49
CA LEU A 349 -3.26 7.06 -12.72
C LEU A 349 -2.69 5.66 -12.97
N ILE A 350 -2.71 4.79 -11.92
CA ILE A 350 -2.29 3.39 -11.98
C ILE A 350 -3.47 2.52 -11.58
N ILE A 351 -3.92 1.63 -12.49
CA ILE A 351 -5.01 0.68 -12.25
C ILE A 351 -4.34 -0.66 -12.01
N HIS A 352 -4.29 -1.07 -10.74
CA HIS A 352 -3.70 -2.35 -10.35
C HIS A 352 -4.74 -3.46 -10.51
N CYS A 353 -4.33 -4.72 -10.64
CA CYS A 353 -5.30 -5.80 -10.74
C CYS A 353 -5.85 -6.19 -9.36
N GLY A 354 -7.15 -6.48 -9.31
CA GLY A 354 -7.88 -6.81 -8.09
C GLY A 354 -7.44 -8.06 -7.34
N GLY A 355 -7.83 -9.21 -7.88
CA GLY A 355 -7.52 -10.49 -7.28
C GLY A 355 -6.27 -11.14 -7.80
N CYS A 356 -5.15 -10.43 -7.72
CA CYS A 356 -3.88 -11.00 -8.15
C CYS A 356 -3.15 -11.76 -7.02
N VAL A 357 -3.76 -11.74 -5.83
CA VAL A 357 -3.33 -12.47 -4.65
C VAL A 357 -1.91 -12.42 -4.11
N LEU A 358 -1.47 -11.23 -3.75
CA LEU A 358 -0.17 -11.07 -3.13
C LEU A 358 -0.35 -10.77 -1.64
N ASN A 359 0.75 -10.82 -0.90
CA ASN A 359 0.74 -10.50 0.52
C ASN A 359 0.35 -9.03 0.69
N ARG A 360 -0.45 -8.67 1.69
CA ARG A 360 -0.86 -7.27 1.85
C ARG A 360 0.35 -6.37 1.96
N ALA A 361 1.32 -6.84 2.71
CA ALA A 361 2.56 -6.10 2.89
C ALA A 361 3.32 -5.94 1.56
N ALA A 362 3.18 -6.91 0.63
CA ALA A 362 3.81 -6.87 -0.70
C ALA A 362 2.99 -5.97 -1.64
N MET A 363 1.72 -5.68 -1.27
CA MET A 363 0.81 -4.80 -2.00
C MET A 363 0.88 -3.38 -1.41
N MET A 364 1.22 -3.29 -0.15
CA MET A 364 1.35 -2.02 0.50
C MET A 364 2.60 -1.36 -0.03
N ARG A 365 3.64 -2.17 -0.20
CA ARG A 365 4.94 -1.74 -0.73
C ARG A 365 4.68 -1.01 -2.04
N ARG A 366 3.74 -1.54 -2.85
CA ARG A 366 3.31 -0.99 -4.13
C ARG A 366 2.55 0.31 -3.93
N VAL A 367 1.54 0.32 -3.03
CA VAL A 367 0.74 1.50 -2.68
C VAL A 367 1.70 2.60 -2.22
N ARG A 368 2.56 2.30 -1.20
CA ARG A 368 3.54 3.25 -0.65
C ARG A 368 4.41 3.92 -1.71
N MET A 369 4.97 3.13 -2.66
CA MET A 369 5.81 3.64 -3.74
C MET A 369 5.04 4.64 -4.60
N ALA A 370 3.80 4.29 -5.00
CA ALA A 370 2.90 5.12 -5.81
C ALA A 370 2.53 6.40 -5.05
N LYS A 371 2.28 6.26 -3.73
CA LYS A 371 1.96 7.36 -2.83
C LYS A 371 3.14 8.31 -2.73
N ARG A 372 4.36 7.76 -2.72
CA ARG A 372 5.62 8.50 -2.64
C ARG A 372 5.94 9.24 -3.95
N LEU A 373 5.66 8.61 -5.09
CA LEU A 373 5.89 9.24 -6.40
C LEU A 373 4.77 10.23 -6.74
N GLY A 374 3.74 10.28 -5.89
CA GLY A 374 2.58 11.14 -6.08
C GLY A 374 1.65 10.72 -7.21
N ILE A 375 1.77 9.45 -7.67
CA ILE A 375 0.92 8.93 -8.73
C ILE A 375 -0.32 8.31 -8.08
N PRO A 376 -1.56 8.71 -8.45
CA PRO A 376 -2.74 8.08 -7.83
C PRO A 376 -2.87 6.61 -8.26
N MET A 377 -3.18 5.72 -7.29
CA MET A 377 -3.31 4.29 -7.55
C MET A 377 -4.59 3.75 -6.99
N THR A 378 -5.24 2.91 -7.80
CA THR A 378 -6.47 2.21 -7.48
C THR A 378 -6.40 0.80 -8.07
N ASN A 379 -7.52 0.04 -8.07
CA ASN A 379 -7.54 -1.28 -8.68
C ASN A 379 -8.82 -1.54 -9.43
N TYR A 380 -8.91 -2.67 -10.12
CA TYR A 380 -10.08 -3.00 -10.90
C TYR A 380 -11.36 -2.90 -10.12
N GLY A 381 -11.36 -3.55 -8.99
CA GLY A 381 -12.53 -3.57 -8.12
C GLY A 381 -13.13 -2.23 -7.79
N VAL A 382 -12.28 -1.27 -7.39
CA VAL A 382 -12.67 0.09 -7.02
C VAL A 382 -13.12 0.88 -8.26
N THR A 383 -12.43 0.73 -9.41
CA THR A 383 -12.81 1.43 -10.65
C THR A 383 -14.20 0.97 -11.13
N ILE A 384 -14.36 -0.33 -11.30
CA ILE A 384 -15.60 -0.90 -11.74
C ILE A 384 -16.72 -0.47 -10.83
N SER A 385 -16.43 -0.45 -9.55
CA SER A 385 -17.45 -0.05 -8.60
C SER A 385 -17.69 1.42 -8.67
N TYR A 386 -16.66 2.18 -9.00
CA TYR A 386 -16.79 3.63 -9.10
C TYR A 386 -17.74 4.03 -10.19
N LEU A 387 -17.68 3.31 -11.30
CA LEU A 387 -18.53 3.60 -12.43
C LEU A 387 -20.00 3.49 -12.11
N HIS A 388 -20.42 2.56 -11.26
CA HIS A 388 -21.82 2.48 -10.91
C HIS A 388 -22.12 3.06 -9.54
N GLY A 389 -21.95 2.28 -8.48
CA GLY A 389 -22.23 2.77 -7.14
C GLY A 389 -21.25 2.48 -6.02
N VAL A 390 -20.06 3.08 -6.08
CA VAL A 390 -19.04 2.95 -5.05
C VAL A 390 -19.32 3.60 -3.72
N LEU A 391 -19.96 4.75 -3.73
CA LEU A 391 -20.17 5.48 -2.50
C LEU A 391 -20.97 4.70 -1.50
N ASP A 392 -22.00 4.01 -1.95
CA ASP A 392 -22.73 3.18 -1.02
C ASP A 392 -21.82 2.07 -0.53
N ARG A 393 -21.00 1.46 -1.38
CA ARG A 393 -20.13 0.38 -0.94
C ARG A 393 -19.20 0.74 0.19
N ALA A 394 -19.00 2.03 0.41
CA ALA A 394 -18.13 2.59 1.45
C ALA A 394 -19.02 2.77 2.71
N ILE A 395 -18.97 1.74 3.57
CA ILE A 395 -19.71 1.56 4.81
C ILE A 395 -18.78 1.78 6.01
N ARG A 396 -17.46 1.62 5.79
CA ARG A 396 -16.43 1.81 6.80
C ARG A 396 -15.90 3.25 6.68
N PRO A 397 -16.25 4.18 7.62
CA PRO A 397 -15.78 5.57 7.49
C PRO A 397 -14.34 5.78 7.98
N PHE A 398 -13.66 6.79 7.39
CA PHE A 398 -12.28 7.16 7.72
C PHE A 398 -12.21 7.92 9.04
#